data_7XFV
#
_entry.id   7XFV
#
_entity_poly.entity_id   1
_entity_poly.type   'polydeoxyribonucleotide'
_entity_poly.pdbx_seq_one_letter_code
;(DA)(DT)(DG)(DA)(DG)(DG)(DG)(DG)(DC)(DG)(DG)(DG)(DG)(DT)
;
_entity_poly.pdbx_strand_id   A,B
#